data_3BKB
#
_entry.id   3BKB
#
_cell.length_a   80.404
_cell.length_b   80.404
_cell.length_c   131.411
_cell.angle_alpha   90.000
_cell.angle_beta   90.000
_cell.angle_gamma   120.000
#
_symmetry.space_group_name_H-M   'P 63'
#
loop_
_entity.id
_entity.type
_entity.pdbx_description
1 polymer 'Proto-oncogene tyrosine-protein kinase Fes/Fps'
2 non-polymer 'SULFATE ION'
3 non-polymer 1,2-ETHANEDIOL
4 non-polymer STAUROSPORINE
5 water water
#
_entity_poly.entity_id   1
_entity_poly.type   'polypeptide(L)'
_entity_poly.pdbx_seq_one_letter_code
;SMIPEVQKPLHEQLWYHGAIPRAEVAELLVHSGDFLVRESQGKQEYVLSVLWDGLPRHFIIQSLDNLYRLEGEGFPSIPL
LIDHLLSTQQPLTKKSGVVLHRAVPKDKWVLNHEDLVLGEQIGRGNFGEVFSGRLRADNTLVAVKSCRETLPPDLKAKFL
QEARILKQYSHPNIVRLIGVCTQKQPIYIVMELVQGGDFLTFLRTEGARLRVKTLLQMVGDAAAGMEYLESKCCIHRDLA
ARNCLVTEKNVLKISDFGMSREEADGVYAASGGLRQVPVKWTAPEALNYGRYSSESDVWSFGILLWETFSLGASPYPNLS
NQQTREFVEKGGRLPCPELCPDAVFRLMEQCWAYEPGQRPSFSTIYQELQSIRKRHR
;
_entity_poly.pdbx_strand_id   A
#
# COMPACT_ATOMS: atom_id res chain seq x y z
N PRO A 4 3.74 -25.40 26.23
CA PRO A 4 3.36 -24.12 26.85
C PRO A 4 4.12 -22.91 26.32
N GLU A 5 3.41 -21.79 26.30
CA GLU A 5 3.84 -20.57 25.66
C GLU A 5 5.21 -20.00 26.11
N VAL A 6 5.46 -19.96 27.43
CA VAL A 6 6.66 -19.28 27.99
C VAL A 6 7.97 -20.01 27.63
N GLN A 7 7.85 -21.30 27.34
CA GLN A 7 8.99 -22.13 26.91
C GLN A 7 9.32 -22.01 25.41
N LYS A 8 8.40 -21.44 24.62
CA LYS A 8 8.64 -21.23 23.21
C LYS A 8 9.73 -20.19 23.00
N PRO A 9 10.51 -20.35 21.93
CA PRO A 9 11.52 -19.34 21.66
C PRO A 9 10.87 -17.99 21.44
N LEU A 10 11.65 -16.94 21.62
CA LEU A 10 11.16 -15.59 21.40
C LEU A 10 10.52 -15.40 20.02
N HIS A 11 11.13 -15.98 18.98
CA HIS A 11 10.68 -15.81 17.60
C HIS A 11 9.34 -16.47 17.29
N GLU A 12 8.83 -17.29 18.21
CA GLU A 12 7.48 -17.85 18.07
C GLU A 12 6.46 -17.15 18.99
N GLN A 13 6.90 -16.19 19.81
CA GLN A 13 5.97 -15.52 20.73
C GLN A 13 5.03 -14.59 19.98
N LEU A 14 3.76 -14.61 20.38
CA LEU A 14 2.73 -13.79 19.76
C LEU A 14 3.03 -12.32 19.87
N TRP A 15 3.70 -11.93 20.96
CA TRP A 15 3.99 -10.52 21.26
C TRP A 15 5.39 -10.07 20.81
N TYR A 16 6.10 -10.93 20.10
CA TYR A 16 7.36 -10.57 19.44
C TYR A 16 7.13 -10.11 18.00
N HIS A 17 7.44 -8.84 17.73
CA HIS A 17 7.16 -8.20 16.44
C HIS A 17 8.39 -7.88 15.59
N GLY A 18 9.55 -8.35 16.01
CA GLY A 18 10.76 -8.34 15.20
C GLY A 18 11.18 -6.97 14.69
N ALA A 19 11.21 -6.83 13.37
CA ALA A 19 11.72 -5.66 12.67
C ALA A 19 10.65 -4.63 12.38
N ILE A 20 9.53 -4.64 13.09
CA ILE A 20 8.58 -3.58 12.81
C ILE A 20 9.13 -2.20 13.14
N PRO A 21 8.85 -1.24 12.25
CA PRO A 21 9.25 0.13 12.46
C PRO A 21 8.52 0.84 13.63
N ARG A 22 9.12 1.90 14.16
CA ARG A 22 8.56 2.66 15.29
C ARG A 22 7.13 3.20 15.03
N ALA A 23 6.86 3.60 13.80
CA ALA A 23 5.55 4.14 13.46
C ALA A 23 4.49 3.06 13.61
N GLU A 24 4.84 1.81 13.28
CA GLU A 24 3.86 0.73 13.44
C GLU A 24 3.71 0.39 14.90
N VAL A 25 4.80 0.49 15.66
CA VAL A 25 4.73 0.24 17.11
C VAL A 25 3.70 1.19 17.74
N ALA A 26 3.81 2.48 17.39
CA ALA A 26 2.90 3.50 17.91
C ALA A 26 1.45 3.20 17.54
N GLU A 27 1.23 2.59 16.37
CA GLU A 27 -0.13 2.21 15.94
C GLU A 27 -0.72 1.11 16.83
N LEU A 28 0.14 0.17 17.26
CA LEU A 28 -0.25 -1.04 17.95
C LEU A 28 -0.47 -0.88 19.45
N LEU A 29 0.25 0.08 20.04
CA LEU A 29 0.22 0.32 21.47
C LEU A 29 -0.87 1.35 21.73
N VAL A 30 -2.01 0.89 22.22
CA VAL A 30 -3.22 1.72 22.32
C VAL A 30 -3.49 2.18 23.73
N HIS A 31 -3.46 1.25 24.69
CA HIS A 31 -3.75 1.53 26.09
C HIS A 31 -2.49 1.54 26.97
N SER A 32 -2.55 2.31 28.05
CA SER A 32 -1.47 2.31 29.02
C SER A 32 -1.11 0.87 29.38
N GLY A 33 0.18 0.55 29.35
CA GLY A 33 0.63 -0.80 29.71
C GLY A 33 0.65 -1.80 28.57
N ASP A 34 0.13 -1.41 27.40
CA ASP A 34 0.26 -2.24 26.18
C ASP A 34 1.73 -2.35 25.82
N PHE A 35 2.17 -3.55 25.45
CA PHE A 35 3.59 -3.72 25.14
C PHE A 35 3.83 -4.76 24.08
N LEU A 36 5.01 -4.67 23.49
CA LEU A 36 5.53 -5.69 22.61
C LEU A 36 7.06 -5.68 22.74
N VAL A 37 7.64 -6.75 22.29
CA VAL A 37 9.09 -6.90 22.18
C VAL A 37 9.45 -6.94 20.70
N ARG A 38 10.60 -6.34 20.36
CA ARG A 38 11.03 -6.23 18.98
C ARG A 38 12.56 -6.19 18.98
N GLU A 39 13.13 -6.19 17.78
CA GLU A 39 14.56 -6.09 17.60
C GLU A 39 14.86 -4.68 17.12
N SER A 40 15.83 -4.03 17.75
CA SER A 40 16.30 -2.74 17.24
C SER A 40 17.27 -3.00 16.10
N GLN A 41 16.86 -2.66 14.88
CA GLN A 41 17.68 -2.91 13.68
C GLN A 41 19.00 -2.18 13.78
N GLY A 42 18.91 -0.90 14.11
CA GLY A 42 20.11 -0.12 14.43
C GLY A 42 20.93 -0.76 15.53
N LYS A 43 20.46 -0.63 16.77
CA LYS A 43 21.28 -0.97 17.94
C LYS A 43 21.68 -2.47 18.06
N GLN A 44 21.11 -3.35 17.23
CA GLN A 44 21.22 -4.81 17.39
C GLN A 44 21.06 -5.26 18.85
N GLU A 45 19.93 -4.87 19.45
CA GLU A 45 19.51 -5.32 20.81
C GLU A 45 18.00 -5.58 20.80
N TYR A 46 17.49 -6.39 21.73
CA TYR A 46 16.04 -6.48 21.86
C TYR A 46 15.52 -5.31 22.68
N VAL A 47 14.30 -4.92 22.36
CA VAL A 47 13.66 -3.76 22.93
C VAL A 47 12.29 -4.11 23.37
N LEU A 48 11.94 -3.67 24.57
CA LEU A 48 10.57 -3.76 25.10
C LEU A 48 9.96 -2.40 24.97
N SER A 49 8.90 -2.31 24.15
CA SER A 49 8.19 -1.07 23.89
C SER A 49 6.84 -1.12 24.59
N VAL A 50 6.58 -0.08 25.37
CA VAL A 50 5.39 -0.01 26.25
C VAL A 50 4.73 1.36 26.20
N LEU A 51 3.41 1.38 26.09
CA LEU A 51 2.68 2.66 26.16
C LEU A 51 2.60 3.12 27.61
N TRP A 52 3.04 4.35 27.87
CA TRP A 52 2.97 4.94 29.22
C TRP A 52 2.79 6.44 29.06
N ASP A 53 1.87 7.02 29.85
CA ASP A 53 1.50 8.45 29.68
C ASP A 53 1.29 8.84 28.21
N GLY A 54 0.60 7.99 27.46
CA GLY A 54 0.21 8.31 26.09
C GLY A 54 1.23 8.13 24.98
N LEU A 55 2.48 7.75 25.29
CA LEU A 55 3.52 7.60 24.26
C LEU A 55 4.30 6.31 24.44
N PRO A 56 4.73 5.68 23.31
CA PRO A 56 5.59 4.52 23.46
C PRO A 56 6.91 4.85 24.15
N ARG A 57 7.29 3.98 25.09
CA ARG A 57 8.57 4.06 25.79
C ARG A 57 9.36 2.81 25.46
N HIS A 58 10.61 3.00 25.06
CA HIS A 58 11.46 1.92 24.57
C HIS A 58 12.58 1.57 25.55
N PHE A 59 12.58 0.31 26.01
CA PHE A 59 13.55 -0.17 26.97
C PHE A 59 14.45 -1.24 26.35
N ILE A 60 15.75 -1.02 26.38
CA ILE A 60 16.70 -2.00 25.88
C ILE A 60 16.75 -3.15 26.88
N ILE A 61 16.54 -4.37 26.38
CA ILE A 61 16.67 -5.55 27.22
C ILE A 61 18.17 -5.89 27.27
N GLN A 62 18.74 -5.82 28.46
CA GLN A 62 20.17 -6.15 28.68
C GLN A 62 20.38 -7.66 28.69
N SER A 63 21.56 -8.09 28.27
CA SER A 63 21.97 -9.50 28.42
C SER A 63 23.37 -9.63 28.95
N LEU A 64 23.54 -10.58 29.86
CA LEU A 64 24.83 -10.93 30.44
C LEU A 64 24.77 -12.37 30.92
N ASP A 65 25.83 -13.12 30.68
CA ASP A 65 25.90 -14.53 31.11
C ASP A 65 24.67 -15.31 30.62
N ASN A 66 24.19 -14.94 29.42
CA ASN A 66 22.98 -15.53 28.80
C ASN A 66 21.72 -15.38 29.67
N LEU A 67 21.69 -14.29 30.45
CA LEU A 67 20.53 -13.88 31.23
C LEU A 67 20.06 -12.49 30.83
N TYR A 68 18.74 -12.36 30.64
CA TYR A 68 18.11 -11.13 30.16
C TYR A 68 17.50 -10.41 31.34
N ARG A 69 17.62 -9.08 31.34
CA ARG A 69 17.31 -8.29 32.49
C ARG A 69 17.07 -6.82 32.07
N LEU A 70 16.44 -6.09 32.96
CA LEU A 70 16.41 -4.67 32.85
C LEU A 70 17.29 -4.05 33.95
N GLU A 71 16.69 -3.74 35.11
CA GLU A 71 17.45 -3.23 36.28
C GLU A 71 17.26 -4.10 37.51
N GLY A 72 16.70 -5.29 37.30
CA GLY A 72 16.39 -6.22 38.38
C GLY A 72 16.92 -7.61 38.11
N GLU A 73 16.07 -8.60 38.40
CA GLU A 73 16.42 -10.01 38.20
C GLU A 73 16.60 -10.37 36.73
N GLY A 74 17.47 -11.35 36.51
CA GLY A 74 17.72 -11.86 35.17
C GLY A 74 17.15 -13.24 34.96
N PHE A 75 16.88 -13.55 33.70
CA PHE A 75 16.16 -14.75 33.27
C PHE A 75 16.82 -15.33 32.01
N PRO A 76 16.83 -16.66 31.88
CA PRO A 76 17.52 -17.26 30.73
C PRO A 76 16.79 -17.09 29.41
N SER A 77 15.61 -16.47 29.42
CA SER A 77 14.91 -16.10 28.18
C SER A 77 14.11 -14.83 28.35
N ILE A 78 13.90 -14.11 27.25
CA ILE A 78 13.03 -12.94 27.28
C ILE A 78 11.57 -13.29 27.64
N PRO A 79 10.99 -14.39 27.11
CA PRO A 79 9.67 -14.76 27.64
C PRO A 79 9.57 -14.95 29.16
N LEU A 80 10.60 -15.52 29.77
CA LEU A 80 10.63 -15.62 31.23
C LEU A 80 10.67 -14.25 31.90
N LEU A 81 11.51 -13.37 31.38
CA LEU A 81 11.57 -11.96 31.85
C LEU A 81 10.21 -11.26 31.73
N ILE A 82 9.57 -11.42 30.58
CA ILE A 82 8.26 -10.81 30.35
C ILE A 82 7.23 -11.35 31.31
N ASP A 83 7.24 -12.67 31.52
CA ASP A 83 6.31 -13.29 32.45
C ASP A 83 6.52 -12.73 33.88
N HIS A 84 7.78 -12.58 34.28
CA HIS A 84 8.16 -11.98 35.60
C HIS A 84 7.55 -10.58 35.76
N LEU A 85 7.74 -9.75 34.74
CA LEU A 85 7.37 -8.35 34.84
C LEU A 85 5.85 -8.25 34.87
N LEU A 86 5.21 -9.04 34.05
CA LEU A 86 3.76 -9.02 33.98
C LEU A 86 3.12 -9.55 35.29
N SER A 87 3.62 -10.69 35.77
CA SER A 87 3.04 -11.34 36.92
C SER A 87 3.29 -10.60 38.24
N THR A 88 4.44 -9.94 38.37
CA THR A 88 4.78 -9.22 39.60
C THR A 88 4.36 -7.76 39.57
N GLN A 89 4.08 -7.25 38.38
CA GLN A 89 3.74 -5.85 38.17
C GLN A 89 4.84 -4.90 38.64
N GLN A 90 6.08 -5.38 38.62
CA GLN A 90 7.22 -4.57 38.98
C GLN A 90 7.49 -3.54 37.91
N PRO A 91 7.77 -2.29 38.31
CA PRO A 91 8.16 -1.32 37.30
C PRO A 91 9.42 -1.72 36.55
N LEU A 92 9.46 -1.39 35.27
CA LEU A 92 10.57 -1.77 34.42
C LEU A 92 11.86 -1.15 34.93
N THR A 93 11.76 0.11 35.38
CA THR A 93 12.83 0.73 36.14
C THR A 93 12.16 1.53 37.24
N LYS A 94 12.88 1.68 38.36
CA LYS A 94 12.42 2.50 39.49
C LYS A 94 12.15 3.91 39.01
N LYS A 95 13.09 4.46 38.24
CA LYS A 95 12.97 5.81 37.71
C LYS A 95 11.72 6.05 36.86
N SER A 96 11.39 5.11 35.98
CA SER A 96 10.31 5.32 35.01
C SER A 96 8.93 5.00 35.55
N GLY A 97 8.85 4.01 36.44
CA GLY A 97 7.56 3.57 36.96
C GLY A 97 6.69 2.78 36.01
N VAL A 98 7.21 2.48 34.83
CA VAL A 98 6.43 1.84 33.78
C VAL A 98 6.13 0.38 34.17
N VAL A 99 4.86 0.00 34.03
CA VAL A 99 4.39 -1.34 34.38
C VAL A 99 3.65 -1.97 33.18
N LEU A 100 3.92 -3.24 32.93
CA LEU A 100 3.30 -3.97 31.81
C LEU A 100 1.89 -4.36 32.16
N HIS A 101 0.99 -4.29 31.20
CA HIS A 101 -0.38 -4.72 31.41
C HIS A 101 -0.91 -5.75 30.40
N ARG A 102 -0.61 -5.56 29.11
CA ARG A 102 -1.22 -6.36 28.05
C ARG A 102 -0.22 -6.57 26.90
N ALA A 103 0.05 -7.85 26.57
CA ALA A 103 0.90 -8.22 25.43
C ALA A 103 0.08 -8.01 24.16
N VAL A 104 0.59 -7.21 23.24
CA VAL A 104 -0.08 -6.97 21.96
C VAL A 104 0.41 -8.00 20.96
N PRO A 105 -0.50 -8.80 20.43
CA PRO A 105 -0.08 -9.85 19.52
C PRO A 105 0.06 -9.40 18.07
N LYS A 106 0.84 -10.15 17.31
CA LYS A 106 0.89 -10.00 15.85
C LYS A 106 -0.50 -10.27 15.29
N ASP A 107 -0.83 -9.63 14.18
CA ASP A 107 -2.07 -9.98 13.47
C ASP A 107 -1.83 -11.14 12.52
N LYS A 108 -2.91 -11.60 11.89
CA LYS A 108 -2.87 -12.79 11.03
C LYS A 108 -2.07 -12.64 9.75
N TRP A 109 -1.69 -11.42 9.43
CA TRP A 109 -0.98 -11.10 8.18
C TRP A 109 0.54 -11.26 8.27
N VAL A 110 1.09 -11.36 9.48
CA VAL A 110 2.54 -11.50 9.60
C VAL A 110 2.97 -12.87 9.07
N LEU A 111 3.99 -12.84 8.22
CA LEU A 111 4.55 -14.03 7.60
C LEU A 111 6.01 -14.14 7.98
N ASN A 112 6.48 -15.33 8.30
CA ASN A 112 7.92 -15.55 8.51
C ASN A 112 8.66 -15.55 7.18
N HIS A 113 9.87 -15.00 7.19
CA HIS A 113 10.75 -15.05 5.99
C HIS A 113 10.96 -16.48 5.49
N GLU A 114 10.98 -17.43 6.43
CA GLU A 114 11.20 -18.84 6.12
C GLU A 114 10.05 -19.43 5.31
N ASP A 115 8.90 -18.76 5.29
CA ASP A 115 7.71 -19.18 4.52
C ASP A 115 7.76 -18.84 3.02
N LEU A 116 8.75 -18.02 2.63
CA LEU A 116 8.85 -17.38 1.32
C LEU A 116 10.21 -17.69 0.66
N VAL A 117 10.18 -17.91 -0.65
CA VAL A 117 11.42 -17.89 -1.47
C VAL A 117 11.28 -16.85 -2.57
N LEU A 118 12.27 -15.97 -2.67
CA LEU A 118 12.24 -14.88 -3.65
C LEU A 118 12.71 -15.39 -4.98
N GLY A 119 12.09 -14.91 -6.03
CA GLY A 119 12.45 -15.25 -7.39
C GLY A 119 13.03 -14.00 -8.05
N GLU A 120 12.86 -13.91 -9.36
CA GLU A 120 13.47 -12.86 -10.14
C GLU A 120 12.74 -11.53 -9.95
N GLN A 121 13.46 -10.44 -10.19
CA GLN A 121 12.85 -9.11 -10.20
C GLN A 121 11.85 -9.02 -11.37
N ILE A 122 10.69 -8.43 -11.11
CA ILE A 122 9.60 -8.24 -12.10
C ILE A 122 9.27 -6.76 -12.32
N GLY A 123 9.68 -5.90 -11.39
CA GLY A 123 9.44 -4.49 -11.49
C GLY A 123 10.32 -3.67 -10.56
N ARG A 124 10.24 -2.36 -10.72
CA ARG A 124 10.86 -1.40 -9.79
C ARG A 124 9.82 -0.38 -9.42
N GLY A 125 9.60 -0.20 -8.13
CA GLY A 125 8.70 0.78 -7.64
C GLY A 125 9.46 1.87 -6.92
N ASN A 126 8.71 2.79 -6.35
CA ASN A 126 9.29 3.93 -5.70
C ASN A 126 10.13 3.53 -4.50
N PHE A 127 9.77 2.41 -3.86
CA PHE A 127 10.52 1.96 -2.65
C PHE A 127 11.68 1.02 -3.00
N GLY A 128 11.64 0.47 -4.21
CA GLY A 128 12.65 -0.48 -4.65
C GLY A 128 12.07 -1.59 -5.50
N GLU A 129 12.85 -2.64 -5.63
CA GLU A 129 12.49 -3.72 -6.51
C GLU A 129 11.23 -4.48 -6.02
N VAL A 130 10.54 -5.03 -7.00
CA VAL A 130 9.43 -5.98 -6.79
C VAL A 130 9.87 -7.27 -7.46
N PHE A 131 9.68 -8.36 -6.73
CA PHE A 131 10.14 -9.70 -7.12
C PHE A 131 8.94 -10.62 -7.25
N SER A 132 9.07 -11.64 -8.12
CA SER A 132 8.17 -12.80 -8.06
C SER A 132 8.69 -13.63 -6.90
N GLY A 133 7.86 -14.55 -6.45
CA GLY A 133 8.29 -15.46 -5.41
C GLY A 133 7.31 -16.59 -5.28
N ARG A 134 7.57 -17.46 -4.32
CA ARG A 134 6.61 -18.49 -4.00
C ARG A 134 6.54 -18.72 -2.49
N LEU A 135 5.35 -19.06 -2.03
CA LEU A 135 5.15 -19.62 -0.68
C LEU A 135 5.56 -21.09 -0.67
N ARG A 136 6.49 -21.42 0.22
CA ARG A 136 7.04 -22.78 0.30
C ARG A 136 6.00 -23.83 0.69
N ALA A 137 5.06 -23.48 1.56
CA ALA A 137 4.08 -24.47 2.03
C ALA A 137 3.26 -25.08 0.89
N ASP A 138 2.88 -24.28 -0.11
CA ASP A 138 1.98 -24.77 -1.14
C ASP A 138 2.26 -24.36 -2.56
N ASN A 139 3.41 -23.74 -2.80
CA ASN A 139 3.74 -23.20 -4.15
C ASN A 139 2.85 -22.11 -4.68
N THR A 140 2.17 -21.39 -3.80
CA THR A 140 1.42 -20.23 -4.22
C THR A 140 2.44 -19.22 -4.79
N LEU A 141 2.24 -18.77 -6.01
CA LEU A 141 3.12 -17.74 -6.59
C LEU A 141 2.73 -16.38 -6.03
N VAL A 142 3.73 -15.56 -5.76
CA VAL A 142 3.47 -14.24 -5.12
C VAL A 142 4.34 -13.15 -5.75
N ALA A 143 3.92 -11.90 -5.53
CA ALA A 143 4.71 -10.70 -5.82
C ALA A 143 5.21 -10.15 -4.47
N VAL A 144 6.47 -9.72 -4.44
CA VAL A 144 7.13 -9.30 -3.20
C VAL A 144 7.69 -7.89 -3.37
N LYS A 145 7.14 -6.96 -2.58
CA LYS A 145 7.53 -5.57 -2.63
C LYS A 145 8.62 -5.36 -1.58
N SER A 146 9.75 -4.76 -1.98
CA SER A 146 10.89 -4.48 -1.07
C SER A 146 11.11 -2.95 -0.90
N CYS A 147 11.91 -2.63 0.09
CA CYS A 147 12.23 -1.25 0.46
C CYS A 147 13.72 -1.05 0.58
N ARG A 148 14.28 -0.15 -0.21
CA ARG A 148 15.72 0.15 -0.11
C ARG A 148 16.05 0.82 1.20
N GLU A 149 17.13 0.37 1.85
CA GLU A 149 17.57 0.90 3.14
C GLU A 149 18.05 2.37 3.12
N THR A 150 18.50 2.82 1.95
CA THR A 150 19.08 4.16 1.77
C THR A 150 18.05 5.25 1.55
N LEU A 151 16.78 4.86 1.41
CA LEU A 151 15.72 5.85 1.30
C LEU A 151 15.62 6.70 2.59
N PRO A 152 15.14 7.95 2.47
CA PRO A 152 15.06 8.78 3.67
C PRO A 152 14.10 8.16 4.70
N PRO A 153 14.43 8.27 6.00
CA PRO A 153 13.60 7.72 7.09
C PRO A 153 12.12 8.03 6.98
N ASP A 154 11.79 9.28 6.64
CA ASP A 154 10.38 9.69 6.53
C ASP A 154 9.62 8.96 5.42
N LEU A 155 10.32 8.58 4.35
CA LEU A 155 9.71 7.80 3.29
C LEU A 155 9.64 6.33 3.67
N LYS A 156 10.72 5.80 4.25
CA LYS A 156 10.71 4.40 4.71
C LYS A 156 9.56 4.16 5.69
N ALA A 157 9.24 5.18 6.51
CA ALA A 157 8.13 5.09 7.45
C ALA A 157 6.75 4.88 6.75
N LYS A 158 6.66 5.17 5.47
CA LYS A 158 5.43 5.00 4.70
C LYS A 158 5.33 3.65 3.99
N PHE A 159 6.39 2.86 4.06
CA PHE A 159 6.46 1.61 3.27
C PHE A 159 5.34 0.63 3.57
N LEU A 160 4.97 0.49 4.84
CA LEU A 160 3.92 -0.49 5.21
C LEU A 160 2.49 0.01 4.92
N GLN A 161 2.35 1.24 4.42
CA GLN A 161 1.00 1.77 4.06
C GLN A 161 0.25 0.85 3.10
N GLU A 162 0.88 0.34 2.04
CA GLU A 162 0.17 -0.57 1.13
C GLU A 162 -0.46 -1.76 1.85
N ALA A 163 0.29 -2.35 2.77
CA ALA A 163 -0.24 -3.45 3.59
C ALA A 163 -1.39 -3.01 4.53
N ARG A 164 -1.20 -1.88 5.21
CA ARG A 164 -2.17 -1.34 6.12
C ARG A 164 -3.53 -1.21 5.42
N ILE A 165 -3.48 -0.68 4.21
CA ILE A 165 -4.67 -0.45 3.39
C ILE A 165 -5.26 -1.79 2.89
N LEU A 166 -4.47 -2.59 2.18
CA LEU A 166 -4.95 -3.84 1.54
C LEU A 166 -5.42 -4.94 2.48
N LYS A 167 -4.92 -4.93 3.72
CA LYS A 167 -5.43 -5.85 4.76
C LYS A 167 -6.94 -5.82 4.89
N GLN A 168 -7.53 -4.64 4.63
CA GLN A 168 -8.94 -4.38 4.82
C GLN A 168 -9.82 -4.77 3.66
N TYR A 169 -9.23 -5.10 2.52
CA TYR A 169 -10.00 -5.20 1.30
C TYR A 169 -10.07 -6.61 0.72
N SER A 170 -11.13 -6.79 -0.03
CA SER A 170 -11.38 -8.02 -0.78
C SER A 170 -12.31 -7.69 -1.94
N HIS A 171 -11.77 -7.66 -3.16
CA HIS A 171 -12.56 -7.37 -4.37
C HIS A 171 -11.87 -8.00 -5.56
N PRO A 172 -12.65 -8.51 -6.53
CA PRO A 172 -11.98 -9.19 -7.69
C PRO A 172 -11.05 -8.30 -8.55
N ASN A 173 -11.21 -6.99 -8.47
CA ASN A 173 -10.42 -6.04 -9.26
C ASN A 173 -9.42 -5.19 -8.45
N ILE A 174 -9.05 -5.70 -7.27
CA ILE A 174 -8.05 -5.08 -6.41
C ILE A 174 -7.05 -6.18 -6.06
N VAL A 175 -5.78 -5.89 -6.14
CA VAL A 175 -4.73 -6.86 -5.84
C VAL A 175 -4.86 -7.31 -4.37
N ARG A 176 -4.80 -8.62 -4.15
CA ARG A 176 -4.91 -9.23 -2.80
C ARG A 176 -3.58 -9.21 -2.04
N LEU A 177 -3.63 -8.79 -0.77
CA LEU A 177 -2.49 -8.94 0.14
C LEU A 177 -2.47 -10.38 0.60
N ILE A 178 -1.25 -10.92 0.68
CA ILE A 178 -1.04 -12.26 1.23
C ILE A 178 -0.41 -12.20 2.62
N GLY A 179 0.59 -11.36 2.79
CA GLY A 179 1.18 -11.20 4.11
C GLY A 179 2.25 -10.13 4.14
N VAL A 180 2.80 -9.95 5.32
CA VAL A 180 3.77 -8.94 5.58
C VAL A 180 4.94 -9.59 6.34
N CYS A 181 6.15 -9.49 5.80
CA CYS A 181 7.33 -10.14 6.39
C CYS A 181 8.08 -9.06 7.18
N THR A 182 7.65 -8.87 8.40
CA THR A 182 8.20 -7.85 9.30
C THR A 182 8.96 -8.41 10.51
N GLN A 183 9.14 -9.74 10.56
CA GLN A 183 9.85 -10.36 11.72
C GLN A 183 11.36 -10.16 11.68
N LYS A 184 11.90 -10.01 10.47
CA LYS A 184 13.32 -9.70 10.28
C LYS A 184 13.43 -8.69 9.17
N GLN A 185 14.58 -8.04 9.09
CA GLN A 185 14.96 -7.35 7.88
C GLN A 185 15.57 -8.33 6.87
N PRO A 186 15.38 -8.07 5.57
CA PRO A 186 14.64 -6.94 4.98
C PRO A 186 13.12 -7.17 5.03
N ILE A 187 12.37 -6.10 5.24
CA ILE A 187 10.93 -6.21 5.36
C ILE A 187 10.32 -6.31 3.96
N TYR A 188 9.35 -7.20 3.80
CA TYR A 188 8.65 -7.36 2.54
C TYR A 188 7.14 -7.30 2.68
N ILE A 189 6.47 -6.88 1.61
CA ILE A 189 5.02 -6.95 1.51
C ILE A 189 4.73 -7.97 0.43
N VAL A 190 3.94 -8.97 0.76
CA VAL A 190 3.71 -10.13 -0.11
C VAL A 190 2.27 -10.08 -0.61
N MET A 191 2.13 -10.12 -1.92
CA MET A 191 0.83 -10.01 -2.61
C MET A 191 0.62 -11.13 -3.61
N GLU A 192 -0.61 -11.28 -4.05
CA GLU A 192 -0.89 -12.21 -5.16
C GLU A 192 -0.07 -11.79 -6.39
N LEU A 193 0.35 -12.79 -7.15
CA LEU A 193 1.03 -12.54 -8.40
C LEU A 193 0.01 -12.56 -9.53
N VAL A 194 -0.09 -11.44 -10.22
CA VAL A 194 -1.02 -11.26 -11.32
C VAL A 194 -0.21 -11.48 -12.58
N GLN A 195 -0.43 -12.62 -13.22
CA GLN A 195 0.59 -13.15 -14.12
C GLN A 195 0.77 -12.44 -15.47
N GLY A 196 -0.21 -11.65 -15.89
CA GLY A 196 -0.13 -10.99 -17.19
C GLY A 196 0.61 -9.68 -17.20
N GLY A 197 1.05 -9.22 -16.03
CA GLY A 197 1.79 -8.00 -15.92
C GLY A 197 0.96 -6.72 -16.04
N ASP A 198 1.68 -5.61 -16.23
CA ASP A 198 1.02 -4.31 -16.20
C ASP A 198 0.21 -4.04 -17.48
N PHE A 199 -0.86 -3.27 -17.28
CA PHE A 199 -1.85 -3.04 -18.30
C PHE A 199 -1.27 -2.16 -19.43
N LEU A 200 -0.37 -1.24 -19.10
CA LEU A 200 0.18 -0.39 -20.16
C LEU A 200 0.97 -1.24 -21.16
N THR A 201 1.82 -2.13 -20.65
CA THR A 201 2.59 -3.03 -21.50
C THR A 201 1.64 -3.92 -22.31
N PHE A 202 0.61 -4.42 -21.63
CA PHE A 202 -0.41 -5.26 -22.28
C PHE A 202 -1.03 -4.52 -23.47
N LEU A 203 -1.45 -3.26 -23.27
CA LEU A 203 -2.10 -2.49 -24.33
C LEU A 203 -1.16 -2.33 -25.52
N ARG A 204 0.10 -2.04 -25.22
CA ARG A 204 1.07 -1.76 -26.26
C ARG A 204 1.47 -3.01 -27.01
N THR A 205 1.54 -4.12 -26.29
CA THR A 205 1.97 -5.39 -26.87
C THR A 205 0.84 -6.05 -27.69
N GLU A 206 -0.35 -6.13 -27.12
CA GLU A 206 -1.48 -6.81 -27.74
C GLU A 206 -2.21 -5.91 -28.71
N GLY A 207 -2.15 -4.60 -28.45
CA GLY A 207 -2.50 -3.59 -29.43
C GLY A 207 -3.69 -3.92 -30.32
N ALA A 208 -3.40 -4.12 -31.59
CA ALA A 208 -4.43 -4.27 -32.61
C ALA A 208 -5.20 -5.60 -32.52
N ARG A 209 -4.73 -6.52 -31.68
CA ARG A 209 -5.47 -7.72 -31.37
C ARG A 209 -6.68 -7.46 -30.46
N LEU A 210 -6.72 -6.33 -29.74
CA LEU A 210 -7.77 -6.13 -28.74
C LEU A 210 -9.02 -5.55 -29.38
N ARG A 211 -10.15 -6.22 -29.13
CA ARG A 211 -11.46 -5.73 -29.54
C ARG A 211 -11.89 -4.58 -28.61
N VAL A 212 -12.63 -3.63 -29.17
CA VAL A 212 -13.23 -2.58 -28.35
C VAL A 212 -14.04 -3.15 -27.16
N LYS A 213 -14.83 -4.21 -27.38
CA LYS A 213 -15.56 -4.83 -26.27
C LYS A 213 -14.61 -5.25 -25.13
N THR A 214 -13.46 -5.80 -25.47
CA THR A 214 -12.48 -6.23 -24.47
C THR A 214 -11.92 -5.05 -23.72
N LEU A 215 -11.55 -4.00 -24.44
CA LEU A 215 -11.07 -2.76 -23.81
C LEU A 215 -12.10 -2.23 -22.79
N LEU A 216 -13.37 -2.20 -23.18
CA LEU A 216 -14.45 -1.74 -22.31
C LEU A 216 -14.64 -2.64 -21.07
N GLN A 217 -14.53 -3.96 -21.24
CA GLN A 217 -14.56 -4.87 -20.09
C GLN A 217 -13.42 -4.60 -19.08
N MET A 218 -12.23 -4.33 -19.62
CA MET A 218 -11.04 -4.09 -18.78
C MET A 218 -11.14 -2.78 -18.04
N VAL A 219 -11.55 -1.70 -18.71
CA VAL A 219 -11.72 -0.44 -17.95
C VAL A 219 -12.97 -0.50 -17.04
N GLY A 220 -13.95 -1.31 -17.42
CA GLY A 220 -15.05 -1.61 -16.51
C GLY A 220 -14.58 -2.26 -15.21
N ASP A 221 -13.66 -3.21 -15.33
CA ASP A 221 -12.99 -3.83 -14.16
C ASP A 221 -12.34 -2.76 -13.26
N ALA A 222 -11.59 -1.85 -13.88
CA ALA A 222 -10.97 -0.72 -13.17
C ALA A 222 -12.00 0.12 -12.44
N ALA A 223 -13.10 0.44 -13.15
CA ALA A 223 -14.16 1.24 -12.60
C ALA A 223 -14.82 0.52 -11.41
N ALA A 224 -15.03 -0.80 -11.51
CA ALA A 224 -15.58 -1.57 -10.37
C ALA A 224 -14.61 -1.50 -9.15
N GLY A 225 -13.31 -1.67 -9.40
CA GLY A 225 -12.29 -1.57 -8.37
C GLY A 225 -12.34 -0.21 -7.69
N MET A 226 -12.41 0.86 -8.50
CA MET A 226 -12.48 2.23 -7.93
C MET A 226 -13.76 2.53 -7.15
N GLU A 227 -14.89 2.02 -7.65
CA GLU A 227 -16.14 2.14 -6.91
C GLU A 227 -16.05 1.46 -5.54
N TYR A 228 -15.44 0.26 -5.50
CA TYR A 228 -15.21 -0.42 -4.24
C TYR A 228 -14.31 0.43 -3.27
N LEU A 229 -13.18 0.92 -3.77
CA LEU A 229 -12.25 1.73 -2.97
C LEU A 229 -12.94 2.96 -2.38
N GLU A 230 -13.72 3.66 -3.22
CA GLU A 230 -14.50 4.83 -2.75
C GLU A 230 -15.42 4.43 -1.61
N SER A 231 -16.02 3.26 -1.70
CA SER A 231 -16.96 2.75 -0.70
C SER A 231 -16.28 2.45 0.63
N LYS A 232 -14.97 2.21 0.56
CA LYS A 232 -14.12 2.03 1.74
C LYS A 232 -13.36 3.30 2.19
N CYS A 233 -13.69 4.45 1.60
CA CYS A 233 -13.09 5.74 1.90
C CYS A 233 -11.61 5.83 1.50
N CYS A 234 -11.24 5.07 0.48
CA CYS A 234 -9.87 4.98 0.04
C CYS A 234 -9.70 5.89 -1.18
N ILE A 235 -8.69 6.71 -1.12
CA ILE A 235 -8.30 7.60 -2.21
C ILE A 235 -6.93 7.05 -2.71
N HIS A 236 -6.88 6.64 -3.97
CA HIS A 236 -5.74 5.85 -4.45
C HIS A 236 -4.52 6.73 -4.73
N ARG A 237 -4.78 7.79 -5.51
CA ARG A 237 -3.80 8.83 -5.86
C ARG A 237 -2.78 8.49 -6.93
N ASP A 238 -2.67 7.22 -7.35
CA ASP A 238 -1.66 6.80 -8.32
C ASP A 238 -2.26 5.88 -9.38
N LEU A 239 -3.49 6.17 -9.79
CA LEU A 239 -4.19 5.39 -10.79
C LEU A 239 -3.63 5.76 -12.19
N ALA A 240 -3.19 4.75 -12.92
CA ALA A 240 -2.56 4.88 -14.24
C ALA A 240 -2.52 3.44 -14.81
N ALA A 241 -2.46 3.29 -16.13
CA ALA A 241 -2.43 1.97 -16.73
C ALA A 241 -1.27 1.15 -16.24
N ARG A 242 -0.10 1.76 -16.03
CA ARG A 242 1.08 0.99 -15.63
C ARG A 242 0.95 0.41 -14.20
N ASN A 243 0.06 0.98 -13.42
CA ASN A 243 -0.23 0.52 -12.04
C ASN A 243 -1.41 -0.42 -11.93
N CYS A 244 -1.95 -0.84 -13.07
CA CYS A 244 -2.98 -1.89 -13.13
C CYS A 244 -2.30 -3.17 -13.72
N LEU A 245 -2.79 -4.30 -13.29
CA LEU A 245 -2.24 -5.59 -13.70
C LEU A 245 -3.32 -6.40 -14.38
N VAL A 246 -2.92 -7.35 -15.22
CA VAL A 246 -3.79 -8.15 -16.03
C VAL A 246 -3.59 -9.61 -15.69
N THR A 247 -4.69 -10.29 -15.37
CA THR A 247 -4.64 -11.75 -15.09
C THR A 247 -4.52 -12.56 -16.37
N GLU A 248 -4.28 -13.86 -16.23
CA GLU A 248 -4.26 -14.77 -17.37
C GLU A 248 -5.56 -14.80 -18.19
N LYS A 249 -6.65 -14.38 -17.58
CA LYS A 249 -7.94 -14.31 -18.25
C LYS A 249 -8.36 -12.88 -18.61
N ASN A 250 -7.40 -11.96 -18.69
CA ASN A 250 -7.62 -10.52 -19.02
C ASN A 250 -8.56 -9.77 -18.08
N VAL A 251 -8.55 -10.14 -16.81
CA VAL A 251 -9.22 -9.38 -15.77
C VAL A 251 -8.19 -8.35 -15.28
N LEU A 252 -8.62 -7.12 -15.14
CA LEU A 252 -7.76 -6.05 -14.65
C LEU A 252 -7.87 -5.96 -13.10
N LYS A 253 -6.72 -5.76 -12.45
CA LYS A 253 -6.65 -5.47 -11.01
C LYS A 253 -5.81 -4.21 -10.76
N ILE A 254 -6.30 -3.38 -9.86
CA ILE A 254 -5.62 -2.16 -9.48
C ILE A 254 -4.54 -2.55 -8.48
N SER A 255 -3.35 -1.99 -8.68
CA SER A 255 -2.20 -2.26 -7.82
C SER A 255 -1.55 -0.92 -7.39
N ASP A 256 -0.32 -1.00 -6.93
CA ASP A 256 0.43 0.12 -6.35
C ASP A 256 -0.36 1.11 -5.47
N PHE A 257 -0.70 0.59 -4.29
CA PHE A 257 -1.41 1.36 -3.24
C PHE A 257 -0.48 2.17 -2.31
N GLY A 258 0.78 2.36 -2.70
CA GLY A 258 1.75 3.04 -1.80
C GLY A 258 1.32 4.46 -1.42
N MET A 259 0.72 5.15 -2.35
CA MET A 259 0.26 6.54 -2.16
C MET A 259 -1.14 6.68 -1.57
N SER A 260 -1.85 5.56 -1.46
CA SER A 260 -3.27 5.53 -1.13
C SER A 260 -3.45 5.97 0.32
N ARG A 261 -4.59 6.61 0.58
CA ARG A 261 -4.91 7.16 1.90
C ARG A 261 -6.40 6.92 2.16
N GLU A 262 -6.73 6.57 3.40
CA GLU A 262 -8.10 6.37 3.83
C GLU A 262 -8.53 7.64 4.59
N GLU A 263 -9.65 8.22 4.16
CA GLU A 263 -10.19 9.42 4.78
C GLU A 263 -11.71 9.33 4.89
N ALA A 264 -12.22 9.23 6.12
CA ALA A 264 -13.65 9.11 6.37
C ALA A 264 -14.45 10.27 5.77
N ASP A 265 -13.87 11.48 5.75
CA ASP A 265 -14.60 12.64 5.26
C ASP A 265 -14.24 13.01 3.81
N GLY A 266 -13.53 12.11 3.16
CA GLY A 266 -13.44 12.10 1.69
C GLY A 266 -12.34 12.94 1.08
N VAL A 267 -11.58 13.65 1.92
CA VAL A 267 -10.52 14.54 1.43
C VAL A 267 -9.21 14.26 2.14
N TYR A 268 -8.18 14.02 1.35
CA TYR A 268 -6.79 13.92 1.86
C TYR A 268 -6.02 15.18 1.51
N ALA A 269 -5.47 15.85 2.54
CA ALA A 269 -4.63 17.04 2.29
C ALA A 269 -3.17 16.56 2.24
N ALA A 270 -2.55 16.70 1.07
CA ALA A 270 -1.16 16.26 0.85
C ALA A 270 -0.16 17.05 1.70
N SER A 271 0.96 16.41 2.01
CA SER A 271 2.03 17.06 2.76
C SER A 271 2.63 18.24 2.00
N GLY A 272 2.60 18.16 0.68
CA GLY A 272 3.34 19.09 -0.18
C GLY A 272 4.72 18.55 -0.57
N GLY A 273 5.22 17.55 0.17
CA GLY A 273 6.58 16.99 -0.03
C GLY A 273 6.76 15.78 -0.95
N LEU A 274 5.68 15.30 -1.56
CA LEU A 274 5.76 14.15 -2.47
C LEU A 274 6.71 14.43 -3.67
N ARG A 275 7.60 13.48 -3.93
CA ARG A 275 8.54 13.56 -5.06
C ARG A 275 8.03 12.61 -6.13
N GLN A 276 8.48 12.77 -7.37
CA GLN A 276 8.01 11.92 -8.48
C GLN A 276 6.47 11.80 -8.50
N VAL A 277 5.77 12.91 -8.23
CA VAL A 277 4.31 12.98 -8.32
C VAL A 277 3.90 12.71 -9.75
N PRO A 278 2.90 11.80 -10.01
CA PRO A 278 2.47 11.50 -11.41
C PRO A 278 1.61 12.64 -11.97
N VAL A 279 2.27 13.75 -12.26
CA VAL A 279 1.63 15.02 -12.62
C VAL A 279 0.61 14.82 -13.72
N LYS A 280 0.99 14.11 -14.78
CA LYS A 280 0.12 14.01 -15.95
C LYS A 280 -1.14 13.17 -15.73
N TRP A 281 -1.15 12.43 -14.64
CA TRP A 281 -2.32 11.66 -14.21
C TRP A 281 -3.15 12.33 -13.09
N THR A 282 -2.65 13.46 -12.60
CA THR A 282 -3.19 14.04 -11.38
C THR A 282 -4.08 15.24 -11.65
N ALA A 283 -5.19 15.36 -10.90
CA ALA A 283 -6.14 16.46 -11.05
C ALA A 283 -5.53 17.78 -10.64
N PRO A 284 -5.98 18.85 -11.28
CA PRO A 284 -5.37 20.14 -10.99
C PRO A 284 -5.47 20.60 -9.53
N GLU A 285 -6.60 20.39 -8.85
CA GLU A 285 -6.75 20.77 -7.44
C GLU A 285 -5.82 20.01 -6.48
N ALA A 286 -5.49 18.79 -6.87
CA ALA A 286 -4.57 17.94 -6.14
C ALA A 286 -3.15 18.49 -6.23
N LEU A 287 -2.76 18.93 -7.42
CA LEU A 287 -1.44 19.51 -7.56
C LEU A 287 -1.38 20.93 -6.99
N ASN A 288 -2.38 21.74 -7.29
CA ASN A 288 -2.38 23.13 -6.92
C ASN A 288 -2.51 23.33 -5.40
N TYR A 289 -3.38 22.56 -4.77
CA TYR A 289 -3.79 22.83 -3.41
C TYR A 289 -3.68 21.63 -2.49
N GLY A 290 -3.23 20.50 -3.04
CA GLY A 290 -3.01 19.29 -2.28
C GLY A 290 -4.32 18.60 -1.92
N ARG A 291 -5.40 18.91 -2.66
CA ARG A 291 -6.69 18.32 -2.36
C ARG A 291 -6.87 17.01 -3.16
N TYR A 292 -6.66 15.89 -2.48
CA TYR A 292 -6.95 14.59 -3.08
C TYR A 292 -8.28 14.04 -2.54
N SER A 293 -9.02 13.37 -3.42
CA SER A 293 -10.35 12.90 -3.13
C SER A 293 -10.70 11.83 -4.17
N SER A 294 -11.83 11.15 -4.03
CA SER A 294 -12.27 10.25 -5.10
C SER A 294 -12.49 11.04 -6.40
N GLU A 295 -12.83 12.32 -6.27
CA GLU A 295 -12.93 13.18 -7.45
C GLU A 295 -11.62 13.39 -8.19
N SER A 296 -10.49 13.54 -7.48
CA SER A 296 -9.20 13.54 -8.21
C SER A 296 -8.87 12.18 -8.82
N ASP A 297 -9.26 11.09 -8.17
CA ASP A 297 -9.07 9.74 -8.75
C ASP A 297 -9.89 9.62 -10.05
N VAL A 298 -11.06 10.27 -10.09
CA VAL A 298 -11.90 10.29 -11.33
C VAL A 298 -11.13 10.94 -12.51
N TRP A 299 -10.45 12.04 -12.23
CA TRP A 299 -9.56 12.67 -13.22
C TRP A 299 -8.57 11.66 -13.77
N SER A 300 -7.87 10.99 -12.86
CA SER A 300 -6.92 9.91 -13.17
C SER A 300 -7.55 8.82 -14.03
N PHE A 301 -8.77 8.46 -13.67
CA PHE A 301 -9.54 7.49 -14.42
C PHE A 301 -9.76 7.92 -15.88
N GLY A 302 -10.03 9.21 -16.10
CA GLY A 302 -10.19 9.75 -17.44
C GLY A 302 -8.90 9.58 -18.23
N ILE A 303 -7.75 9.81 -17.58
CA ILE A 303 -6.44 9.58 -18.21
C ILE A 303 -6.24 8.10 -18.56
N LEU A 304 -6.58 7.22 -17.62
CA LEU A 304 -6.58 5.79 -17.86
C LEU A 304 -7.43 5.39 -19.06
N LEU A 305 -8.64 5.94 -19.15
CA LEU A 305 -9.49 5.70 -20.32
C LEU A 305 -8.78 6.12 -21.63
N TRP A 306 -8.10 7.27 -21.60
CA TRP A 306 -7.33 7.73 -22.74
C TRP A 306 -6.20 6.77 -23.09
N GLU A 307 -5.43 6.34 -22.08
CA GLU A 307 -4.43 5.32 -22.27
C GLU A 307 -4.98 4.06 -22.94
N THR A 308 -6.17 3.64 -22.50
CA THR A 308 -6.75 2.38 -22.99
C THR A 308 -7.11 2.52 -24.47
N PHE A 309 -7.88 3.55 -24.80
CA PHE A 309 -8.37 3.69 -26.18
C PHE A 309 -7.36 4.23 -27.21
N SER A 310 -6.22 4.71 -26.72
CA SER A 310 -5.06 5.00 -27.57
C SER A 310 -4.12 3.80 -27.67
N LEU A 311 -4.48 2.69 -27.03
CA LEU A 311 -3.62 1.49 -26.96
C LEU A 311 -2.25 1.78 -26.39
N GLY A 312 -2.23 2.61 -25.36
CA GLY A 312 -1.00 2.88 -24.61
C GLY A 312 -0.12 4.02 -25.09
N ALA A 313 -0.74 5.06 -25.67
CA ALA A 313 -0.02 6.27 -26.00
C ALA A 313 0.40 6.94 -24.71
N SER A 314 1.41 7.77 -24.80
CA SER A 314 1.89 8.54 -23.66
C SER A 314 1.18 9.92 -23.65
N PRO A 315 0.61 10.30 -22.51
CA PRO A 315 -0.17 11.55 -22.54
C PRO A 315 0.68 12.83 -22.52
N TYR A 316 0.18 13.87 -23.20
CA TYR A 316 0.89 15.15 -23.34
C TYR A 316 2.39 14.94 -23.67
N PRO A 317 2.68 14.20 -24.74
CA PRO A 317 4.05 13.76 -24.98
C PRO A 317 5.00 14.94 -25.25
N ASN A 318 4.47 16.03 -25.78
CA ASN A 318 5.28 17.19 -26.15
C ASN A 318 5.40 18.23 -25.02
N LEU A 319 4.91 17.89 -23.82
CA LEU A 319 4.97 18.80 -22.68
C LEU A 319 5.70 18.20 -21.48
N SER A 320 6.47 19.07 -20.81
CA SER A 320 7.00 18.74 -19.50
C SER A 320 5.84 18.70 -18.49
N ASN A 321 6.14 18.27 -17.27
CA ASN A 321 5.11 18.24 -16.21
C ASN A 321 4.65 19.67 -15.91
N GLN A 322 5.56 20.62 -15.84
CA GLN A 322 5.12 21.98 -15.52
C GLN A 322 4.26 22.53 -16.67
N GLN A 323 4.68 22.26 -17.90
CA GLN A 323 3.91 22.69 -19.06
C GLN A 323 2.53 22.05 -19.12
N THR A 324 2.40 20.79 -18.69
CA THR A 324 1.11 20.12 -18.65
C THR A 324 0.17 20.81 -17.66
N ARG A 325 0.72 21.23 -16.51
CA ARG A 325 -0.10 21.93 -15.52
C ARG A 325 -0.60 23.24 -16.10
N GLU A 326 0.30 23.97 -16.74
CA GLU A 326 -0.07 25.26 -17.40
C GLU A 326 -1.10 25.07 -18.51
N PHE A 327 -0.90 24.02 -19.30
CA PHE A 327 -1.81 23.64 -20.41
C PHE A 327 -3.22 23.37 -19.89
N VAL A 328 -3.30 22.56 -18.84
CA VAL A 328 -4.59 22.22 -18.25
C VAL A 328 -5.32 23.45 -17.66
N GLU A 329 -4.58 24.33 -17.00
CA GLU A 329 -5.16 25.58 -16.45
C GLU A 329 -5.79 26.45 -17.56
N LYS A 330 -5.21 26.39 -18.76
CA LYS A 330 -5.74 27.11 -19.95
C LYS A 330 -6.95 26.45 -20.61
N GLY A 331 -7.34 25.29 -20.14
CA GLY A 331 -8.43 24.50 -20.73
C GLY A 331 -7.95 23.32 -21.57
N GLY A 332 -6.65 23.18 -21.73
CA GLY A 332 -6.08 22.09 -22.53
C GLY A 332 -6.45 20.74 -21.99
N ARG A 333 -6.82 19.84 -22.88
CA ARG A 333 -7.08 18.43 -22.52
C ARG A 333 -6.56 17.55 -23.62
N LEU A 334 -6.44 16.28 -23.30
CA LEU A 334 -6.02 15.24 -24.25
C LEU A 334 -7.04 15.09 -25.39
N PRO A 335 -6.54 14.77 -26.62
CA PRO A 335 -7.43 14.65 -27.77
C PRO A 335 -8.13 13.27 -27.80
N CYS A 336 -9.19 13.17 -28.59
CA CYS A 336 -9.90 11.91 -28.72
C CYS A 336 -9.11 10.87 -29.56
N PRO A 337 -8.75 9.71 -28.98
CA PRO A 337 -8.08 8.68 -29.82
C PRO A 337 -8.98 8.20 -30.96
N GLU A 338 -8.40 7.89 -32.11
CA GLU A 338 -9.13 7.25 -33.22
C GLU A 338 -10.10 6.14 -32.85
N LEU A 339 -9.66 5.21 -32.01
CA LEU A 339 -10.42 4.00 -31.67
C LEU A 339 -11.43 4.20 -30.54
N CYS A 340 -11.49 5.41 -29.98
CA CYS A 340 -12.32 5.67 -28.85
C CYS A 340 -13.75 5.96 -29.34
N PRO A 341 -14.72 5.16 -28.88
CA PRO A 341 -16.12 5.49 -29.18
C PRO A 341 -16.51 6.90 -28.70
N ASP A 342 -17.37 7.59 -29.44
CA ASP A 342 -17.81 8.93 -29.05
C ASP A 342 -18.29 8.97 -27.59
N ALA A 343 -19.06 7.98 -27.18
CA ALA A 343 -19.62 7.96 -25.84
C ALA A 343 -18.57 7.82 -24.77
N VAL A 344 -17.51 7.08 -25.10
CA VAL A 344 -16.44 6.96 -24.14
C VAL A 344 -15.70 8.28 -24.01
N PHE A 345 -15.42 8.94 -25.14
CA PHE A 345 -14.78 10.26 -25.07
C PHE A 345 -15.60 11.28 -24.28
N ARG A 346 -16.92 11.30 -24.50
CA ARG A 346 -17.79 12.19 -23.72
C ARG A 346 -17.62 11.98 -22.20
N LEU A 347 -17.59 10.71 -21.80
CA LEU A 347 -17.32 10.31 -20.42
C LEU A 347 -15.95 10.76 -19.94
N MET A 348 -14.91 10.51 -20.74
CA MET A 348 -13.53 10.98 -20.44
C MET A 348 -13.48 12.48 -20.19
N GLU A 349 -14.15 13.26 -21.06
CA GLU A 349 -14.24 14.70 -20.92
C GLU A 349 -14.90 15.16 -19.63
N GLN A 350 -15.93 14.42 -19.20
CA GLN A 350 -16.57 14.72 -17.93
C GLN A 350 -15.60 14.42 -16.75
N CYS A 351 -14.81 13.33 -16.87
CA CYS A 351 -13.80 12.96 -15.83
C CYS A 351 -12.82 14.09 -15.65
N TRP A 352 -12.57 14.85 -16.71
CA TRP A 352 -11.63 15.99 -16.64
C TRP A 352 -12.23 17.37 -16.59
N ALA A 353 -13.44 17.46 -16.04
CA ALA A 353 -14.01 18.74 -15.69
C ALA A 353 -13.09 19.40 -14.68
N TYR A 354 -12.86 20.70 -14.84
CA TYR A 354 -11.89 21.41 -13.98
C TYR A 354 -12.35 21.38 -12.53
N GLU A 355 -13.64 21.60 -12.33
CA GLU A 355 -14.23 21.54 -11.00
C GLU A 355 -14.53 20.09 -10.61
N PRO A 356 -13.98 19.68 -9.47
CA PRO A 356 -14.15 18.28 -9.09
C PRO A 356 -15.61 17.88 -8.91
N GLY A 357 -16.45 18.81 -8.41
CA GLY A 357 -17.90 18.55 -8.28
C GLY A 357 -18.67 18.25 -9.55
N GLN A 358 -18.10 18.62 -10.71
CA GLN A 358 -18.71 18.37 -12.01
C GLN A 358 -18.35 17.00 -12.62
N ARG A 359 -17.42 16.27 -12.01
CA ARG A 359 -16.97 15.00 -12.50
C ARG A 359 -17.96 13.90 -12.12
N PRO A 360 -18.06 12.86 -12.94
CA PRO A 360 -19.00 11.80 -12.63
C PRO A 360 -18.51 10.94 -11.48
N SER A 361 -19.43 10.21 -10.86
CA SER A 361 -19.01 9.23 -9.83
C SER A 361 -18.47 7.95 -10.47
N PHE A 362 -17.78 7.13 -9.68
CA PHE A 362 -17.32 5.84 -10.19
C PHE A 362 -18.48 4.90 -10.46
N SER A 363 -19.59 5.04 -9.76
CA SER A 363 -20.77 4.22 -10.09
C SER A 363 -21.30 4.61 -11.46
N THR A 364 -21.37 5.92 -11.73
CA THR A 364 -21.81 6.40 -13.04
C THR A 364 -20.89 5.91 -14.15
N ILE A 365 -19.58 6.06 -13.93
CA ILE A 365 -18.57 5.61 -14.88
C ILE A 365 -18.75 4.12 -15.18
N TYR A 366 -18.86 3.31 -14.14
CA TYR A 366 -19.03 1.88 -14.34
C TYR A 366 -20.30 1.57 -15.14
N GLN A 367 -21.42 2.18 -14.77
CA GLN A 367 -22.68 1.92 -15.48
C GLN A 367 -22.63 2.39 -16.94
N GLU A 368 -21.97 3.52 -17.18
CA GLU A 368 -21.88 4.04 -18.53
C GLU A 368 -21.01 3.16 -19.41
N LEU A 369 -19.82 2.79 -18.93
CA LEU A 369 -18.95 1.86 -19.66
C LEU A 369 -19.62 0.52 -20.01
N GLN A 370 -20.34 -0.02 -19.04
CA GLN A 370 -21.14 -1.23 -19.22
C GLN A 370 -22.19 -1.07 -20.30
N SER A 371 -22.96 0.03 -20.28
CA SER A 371 -23.95 0.28 -21.33
C SER A 371 -23.31 0.43 -22.72
N ILE A 372 -22.18 1.11 -22.81
CA ILE A 372 -21.44 1.22 -24.07
C ILE A 372 -20.98 -0.17 -24.57
N ARG A 373 -20.45 -0.98 -23.66
CA ARG A 373 -19.94 -2.34 -24.03
C ARG A 373 -21.04 -3.22 -24.59
N LYS A 374 -22.22 -3.10 -23.99
CA LYS A 374 -23.38 -3.87 -24.43
C LYS A 374 -23.81 -3.54 -25.86
N ARG A 375 -23.38 -2.40 -26.41
CA ARG A 375 -23.46 -2.20 -27.87
C ARG A 375 -22.12 -2.42 -28.59
N HIS A 376 -21.34 -3.39 -28.12
CA HIS A 376 -20.13 -3.87 -28.79
C HIS A 376 -20.00 -5.37 -28.58
#